data_7U1R
#
_entry.id   7U1R
#
_cell.length_a   59.590
_cell.length_b   78.540
_cell.length_c   111.260
_cell.angle_alpha   90.000
_cell.angle_beta   90.000
_cell.angle_gamma   90.000
#
_symmetry.space_group_name_H-M   'P 21 21 21'
#
loop_
_entity.id
_entity.type
_entity.pdbx_description
1 polymer 'HLA class I antigen'
2 polymer Beta-2-microglobulin
3 polymer "Spike protein S2' peptide"
4 non-polymer 'CADMIUM ION'
5 non-polymer 'ZINC ION'
6 non-polymer 'SODIUM ION'
7 non-polymer 'ACETATE ION'
8 non-polymer 'CHLORIDE ION'
9 water water
#
loop_
_entity_poly.entity_id
_entity_poly.type
_entity_poly.pdbx_seq_one_letter_code
_entity_poly.pdbx_strand_id
1 'polypeptide(L)'
;MAVMAPRTLVLLLSGALALTQTWAGSHSMRYFFTSVSRPGRGEPRFIAVGYVDDTQFVRFDSDAASQRMEPRAPWIEQEG
PEYWDGETRKVKAHSQTHRVDLGTLRGYYNQSEAGSHTVQRMYGCDVGSDWRFLRGYHQYAYDGKDYIALKEDLRSWTAA
DMAAQTTKHKWEAAHVAEQLRAYLEGTCVEWLRRYLENGKETLQRTDAPKTHMTHHAVSDHEATLRCWALSFYPAEITLT
WQRDGEDQTQDTELVETRPAGDGTFQKWAAVVVPSGQEQRYTCHVQHEGLPKPLTLRWEPSSQPTIPIVGIIAGLVLFGA
VITGAVVAAVMWRRKSSDRKGGSYSQAASSDSAQGSDVSLTACKV
;
A
2 'polypeptide(L)'
;MIQRTPKIQVYSRHPAENGKSNFLNCYVSGFHPSDIEVDLLKNGERIEKVEHSDLSFSKDWSFYLLYYTEFTPTEKDEYA
CRVNHVTLSQPKIVKWDRDM
;
B
3 'polypeptide(L)' RLNEVANNL C
#
# COMPACT_ATOMS: atom_id res chain seq x y z
N GLY A 25 -15.71 -2.65 -13.83
CA GLY A 25 -16.19 -2.93 -12.48
C GLY A 25 -16.32 -1.69 -11.63
N SER A 26 -16.19 -1.86 -10.29
CA SER A 26 -16.26 -0.80 -9.29
C SER A 26 -14.91 -0.02 -9.23
N HIS A 27 -14.92 1.22 -8.77
CA HIS A 27 -13.70 2.03 -8.73
C HIS A 27 -13.66 2.84 -7.47
N SER A 28 -12.48 3.34 -7.10
CA SER A 28 -12.35 4.15 -5.91
C SER A 28 -11.30 5.25 -6.08
N MET A 29 -11.44 6.34 -5.32
CA MET A 29 -10.40 7.37 -5.23
C MET A 29 -10.08 7.48 -3.74
N ARG A 30 -8.79 7.43 -3.38
CA ARG A 30 -8.44 7.45 -1.96
C ARG A 30 -7.19 8.29 -1.76
N TYR A 31 -7.16 9.08 -0.68
CA TYR A 31 -6.00 9.86 -0.30
C TYR A 31 -5.52 9.35 1.05
N PHE A 32 -4.20 9.24 1.20
CA PHE A 32 -3.55 8.76 2.44
C PHE A 32 -2.59 9.86 2.90
N PHE A 33 -2.61 10.20 4.20
CA PHE A 33 -1.74 11.25 4.75
C PHE A 33 -1.09 10.74 5.98
N THR A 34 0.20 10.97 6.11
CA THR A 34 0.92 10.60 7.35
C THR A 34 1.75 11.81 7.80
N SER A 35 1.70 12.15 9.11
CA SER A 35 2.61 13.18 9.65
C SER A 35 3.31 12.58 10.82
N VAL A 36 4.63 12.80 10.93
CA VAL A 36 5.42 12.22 12.04
C VAL A 36 6.18 13.34 12.69
N SER A 37 5.97 13.54 13.99
CA SER A 37 6.64 14.61 14.70
C SER A 37 8.14 14.37 14.85
N ARG A 38 8.90 15.47 14.95
CA ARG A 38 10.36 15.51 15.03
C ARG A 38 10.73 16.24 16.31
N PRO A 39 10.71 15.54 17.45
CA PRO A 39 10.96 16.21 18.73
C PRO A 39 12.33 16.86 18.88
N GLY A 40 13.34 16.33 18.20
CA GLY A 40 14.70 16.88 18.26
C GLY A 40 14.81 18.24 17.62
N ARG A 41 14.17 18.43 16.44
CA ARG A 41 14.26 19.70 15.71
C ARG A 41 13.25 19.76 14.57
N GLY A 42 12.59 20.89 14.45
CA GLY A 42 11.74 21.20 13.31
C GLY A 42 10.29 20.74 13.40
N GLU A 43 9.66 20.76 12.26
CA GLU A 43 8.25 20.44 12.15
C GLU A 43 8.03 19.02 11.63
N PRO A 44 6.80 18.48 11.72
CA PRO A 44 6.60 17.09 11.32
C PRO A 44 6.95 16.78 9.87
N ARG A 45 7.37 15.53 9.61
CA ARG A 45 7.55 15.03 8.25
C ARG A 45 6.11 14.76 7.78
N PHE A 46 5.72 15.23 6.60
CA PHE A 46 4.36 15.05 6.06
C PHE A 46 4.43 14.40 4.68
N ILE A 47 3.68 13.29 4.47
CA ILE A 47 3.64 12.58 3.18
C ILE A 47 2.18 12.32 2.83
N ALA A 48 1.76 12.73 1.63
CA ALA A 48 0.40 12.50 1.12
C ALA A 48 0.51 11.85 -0.23
N VAL A 49 -0.36 10.86 -0.46
CA VAL A 49 -0.40 10.09 -1.70
CA VAL A 49 -0.42 10.14 -1.73
C VAL A 49 -1.88 9.96 -2.10
N GLY A 50 -2.17 10.10 -3.39
CA GLY A 50 -3.51 9.92 -3.91
C GLY A 50 -3.51 8.72 -4.83
N TYR A 51 -4.58 7.93 -4.78
CA TYR A 51 -4.75 6.76 -5.63
C TYR A 51 -6.08 6.75 -6.34
N VAL A 52 -6.11 6.26 -7.59
CA VAL A 52 -7.38 5.88 -8.22
C VAL A 52 -7.21 4.36 -8.28
N ASP A 53 -8.13 3.57 -7.63
CA ASP A 53 -8.01 2.11 -7.53
C ASP A 53 -6.61 1.79 -6.96
N ASP A 54 -5.78 1.00 -7.67
CA ASP A 54 -4.42 0.70 -7.19
C ASP A 54 -3.34 1.51 -7.91
N THR A 55 -3.70 2.67 -8.50
CA THR A 55 -2.75 3.50 -9.21
C THR A 55 -2.46 4.77 -8.43
N GLN A 56 -1.20 4.96 -8.00
CA GLN A 56 -0.81 6.21 -7.37
C GLN A 56 -0.80 7.31 -8.46
N PHE A 57 -1.48 8.45 -8.23
CA PHE A 57 -1.50 9.46 -9.29
C PHE A 57 -0.92 10.80 -8.86
N VAL A 58 -0.85 11.07 -7.53
CA VAL A 58 -0.26 12.32 -7.02
C VAL A 58 0.47 12.02 -5.72
N ARG A 59 1.42 12.89 -5.36
CA ARG A 59 2.15 12.79 -4.11
C ARG A 59 2.63 14.14 -3.67
N PHE A 60 2.86 14.26 -2.36
CA PHE A 60 3.47 15.44 -1.74
C PHE A 60 4.35 14.90 -0.63
N ASP A 61 5.56 15.36 -0.56
CA ASP A 61 6.44 14.94 0.53
C ASP A 61 7.08 16.22 1.01
N SER A 62 6.89 16.56 2.31
CA SER A 62 7.42 17.80 2.89
C SER A 62 8.95 17.89 2.76
N ASP A 63 9.65 16.73 2.64
CA ASP A 63 11.12 16.65 2.52
C ASP A 63 11.62 16.81 1.07
N ALA A 64 10.71 16.76 0.09
CA ALA A 64 11.07 16.93 -1.32
C ALA A 64 11.32 18.43 -1.67
N ALA A 65 12.06 18.69 -2.74
CA ALA A 65 12.43 20.06 -3.14
C ALA A 65 11.29 20.92 -3.70
N SER A 66 10.33 20.31 -4.46
CA SER A 66 9.30 21.12 -5.12
C SER A 66 8.37 21.88 -4.18
N GLN A 67 7.97 21.25 -3.04
CA GLN A 67 6.94 21.82 -2.15
C GLN A 67 5.63 21.99 -2.92
N ARG A 68 5.38 21.09 -3.85
CA ARG A 68 4.15 21.13 -4.65
C ARG A 68 3.55 19.76 -4.68
N MET A 69 2.23 19.67 -4.92
CA MET A 69 1.65 18.36 -5.22
C MET A 69 2.26 18.00 -6.59
N GLU A 70 2.74 16.76 -6.74
CA GLU A 70 3.40 16.31 -7.97
C GLU A 70 2.62 15.20 -8.66
N PRO A 71 2.62 15.17 -10.01
CA PRO A 71 1.93 14.07 -10.72
C PRO A 71 2.74 12.78 -10.70
N ARG A 72 2.04 11.63 -10.71
CA ARG A 72 2.67 10.30 -10.69
C ARG A 72 2.06 9.38 -11.74
N ALA A 73 1.11 9.90 -12.52
CA ALA A 73 0.48 9.16 -13.61
C ALA A 73 0.39 10.08 -14.83
N PRO A 74 0.59 9.58 -16.06
CA PRO A 74 0.52 10.48 -17.24
C PRO A 74 -0.81 11.19 -17.44
N TRP A 75 -1.93 10.54 -17.11
CA TRP A 75 -3.25 11.13 -17.33
C TRP A 75 -3.57 12.33 -16.42
N ILE A 76 -2.88 12.47 -15.29
CA ILE A 76 -3.12 13.63 -14.42
C ILE A 76 -2.30 14.84 -14.90
N GLU A 77 -1.22 14.61 -15.63
CA GLU A 77 -0.37 15.68 -16.17
C GLU A 77 -1.13 16.59 -17.16
N GLN A 78 -2.29 16.11 -17.66
CA GLN A 78 -3.21 16.83 -18.54
C GLN A 78 -3.78 18.07 -17.82
N GLU A 79 -3.99 17.98 -16.48
CA GLU A 79 -4.59 19.06 -15.68
C GLU A 79 -3.77 20.36 -15.73
N GLY A 80 -4.46 21.49 -15.84
CA GLY A 80 -3.84 22.81 -15.93
C GLY A 80 -3.23 23.40 -14.66
N PRO A 81 -2.62 24.61 -14.81
CA PRO A 81 -2.00 25.28 -13.65
C PRO A 81 -2.91 25.55 -12.45
N GLU A 82 -4.20 25.86 -12.69
CA GLU A 82 -5.11 26.14 -11.58
CA GLU A 82 -5.13 26.12 -11.59
C GLU A 82 -5.36 24.87 -10.75
N TYR A 83 -5.39 23.68 -11.39
CA TYR A 83 -5.56 22.39 -10.67
C TYR A 83 -4.35 22.21 -9.74
N TRP A 84 -3.12 22.29 -10.28
CA TRP A 84 -1.88 22.11 -9.49
C TRP A 84 -1.69 23.13 -8.40
N ASP A 85 -2.09 24.39 -8.63
CA ASP A 85 -2.05 25.43 -7.59
C ASP A 85 -3.02 25.09 -6.46
N GLY A 86 -4.24 24.72 -6.84
CA GLY A 86 -5.28 24.34 -5.89
C GLY A 86 -4.92 23.10 -5.09
N GLU A 87 -4.42 22.04 -5.74
CA GLU A 87 -4.04 20.81 -4.99
C GLU A 87 -2.86 21.07 -4.05
N THR A 88 -1.88 21.89 -4.50
CA THR A 88 -0.76 22.29 -3.63
C THR A 88 -1.27 23.06 -2.40
N ARG A 89 -2.18 24.04 -2.59
CA ARG A 89 -2.72 24.82 -1.46
C ARG A 89 -3.43 23.87 -0.48
N LYS A 90 -4.29 23.01 -0.99
CA LYS A 90 -5.06 22.10 -0.14
C LYS A 90 -4.18 21.09 0.59
N VAL A 91 -3.18 20.53 -0.10
CA VAL A 91 -2.34 19.53 0.57
C VAL A 91 -1.47 20.19 1.66
N LYS A 92 -1.03 21.45 1.45
CA LYS A 92 -0.26 22.13 2.50
C LYS A 92 -1.20 22.52 3.69
N ALA A 93 -2.49 22.77 3.41
CA ALA A 93 -3.50 23.02 4.47
C ALA A 93 -3.69 21.72 5.27
N HIS A 94 -3.73 20.54 4.58
CA HIS A 94 -3.83 19.24 5.28
C HIS A 94 -2.57 19.06 6.19
N SER A 95 -1.38 19.42 5.67
CA SER A 95 -0.13 19.30 6.46
C SER A 95 -0.26 20.13 7.75
N GLN A 96 -0.78 21.39 7.62
CA GLN A 96 -0.90 22.27 8.80
C GLN A 96 -1.92 21.71 9.80
N THR A 97 -3.04 21.15 9.33
CA THR A 97 -4.03 20.51 10.20
C THR A 97 -3.38 19.39 11.03
N HIS A 98 -2.59 18.52 10.37
CA HIS A 98 -1.91 17.43 11.08
C HIS A 98 -0.89 17.94 12.06
N ARG A 99 -0.18 19.03 11.71
CA ARG A 99 0.80 19.59 12.66
C ARG A 99 0.07 20.07 13.95
N VAL A 100 -1.06 20.79 13.79
CA VAL A 100 -1.84 21.30 14.91
C VAL A 100 -2.39 20.12 15.70
N ASP A 101 -2.93 19.10 15.00
CA ASP A 101 -3.44 17.87 15.64
C ASP A 101 -2.39 17.16 16.47
N LEU A 102 -1.13 17.03 15.98
CA LEU A 102 -0.05 16.41 16.77
C LEU A 102 0.13 17.11 18.12
N GLY A 103 0.13 18.44 18.13
CA GLY A 103 0.21 19.22 19.37
C GLY A 103 -0.99 19.01 20.27
N THR A 104 -2.21 19.02 19.68
CA THR A 104 -3.45 18.82 20.45
C THR A 104 -3.47 17.45 21.14
N LEU A 105 -3.17 16.38 20.38
CA LEU A 105 -3.13 14.99 20.87
C LEU A 105 -2.09 14.76 21.96
N ARG A 106 -0.93 15.42 21.89
CA ARG A 106 0.09 15.33 22.93
C ARG A 106 -0.52 15.74 24.27
N GLY A 107 -1.32 16.81 24.25
CA GLY A 107 -2.03 17.32 25.42
C GLY A 107 -3.19 16.43 25.85
N TYR A 108 -4.00 15.93 24.88
CA TYR A 108 -5.12 15.01 25.20
C TYR A 108 -4.65 13.73 25.92
N TYR A 109 -3.48 13.20 25.52
CA TYR A 109 -2.90 11.96 26.05
C TYR A 109 -1.85 12.21 27.13
N ASN A 110 -1.65 13.48 27.52
CA ASN A 110 -0.68 13.94 28.53
C ASN A 110 0.70 13.32 28.29
N GLN A 111 1.22 13.54 27.07
CA GLN A 111 2.52 13.01 26.67
C GLN A 111 3.55 14.11 26.67
N SER A 112 4.81 13.76 26.84
CA SER A 112 5.92 14.73 26.83
C SER A 112 6.21 15.19 25.42
N GLU A 113 6.95 16.31 25.32
CA GLU A 113 7.37 16.88 24.06
C GLU A 113 8.57 16.09 23.49
N ALA A 114 9.14 15.14 24.29
CA ALA A 114 10.31 14.33 23.95
C ALA A 114 10.13 13.20 22.91
N GLY A 115 8.94 12.59 22.85
CA GLY A 115 8.75 11.45 21.94
C GLY A 115 8.23 11.83 20.56
N SER A 116 8.46 10.96 19.56
CA SER A 116 7.94 11.16 18.20
C SER A 116 6.56 10.51 18.18
N HIS A 117 5.57 11.16 17.54
CA HIS A 117 4.23 10.57 17.44
C HIS A 117 3.76 10.68 15.99
N THR A 118 2.72 9.92 15.64
CA THR A 118 2.24 9.90 14.27
C THR A 118 0.74 10.07 14.21
N VAL A 119 0.30 10.77 13.18
CA VAL A 119 -1.09 10.95 12.86
CA VAL A 119 -1.12 10.93 12.84
C VAL A 119 -1.28 10.42 11.43
N GLN A 120 -2.36 9.63 11.18
CA GLN A 120 -2.60 9.11 9.84
C GLN A 120 -4.05 9.41 9.52
N ARG A 121 -4.34 9.73 8.25
N ARG A 121 -4.30 9.72 8.23
CA ARG A 121 -5.72 10.01 7.84
CA ARG A 121 -5.64 10.05 7.73
C ARG A 121 -5.92 9.49 6.44
C ARG A 121 -5.86 9.37 6.40
N MET A 122 -7.08 8.88 6.17
CA MET A 122 -7.41 8.32 4.88
C MET A 122 -8.85 8.69 4.62
N TYR A 123 -9.12 9.11 3.39
CA TYR A 123 -10.51 9.36 2.99
C TYR A 123 -10.66 9.08 1.51
N GLY A 124 -11.89 8.83 1.09
CA GLY A 124 -12.15 8.55 -0.30
C GLY A 124 -13.54 8.04 -0.55
N CYS A 125 -13.82 7.71 -1.81
CA CYS A 125 -15.14 7.31 -2.26
C CYS A 125 -15.03 6.10 -3.17
N ASP A 126 -16.09 5.26 -3.21
CA ASP A 126 -16.16 4.13 -4.12
C ASP A 126 -17.37 4.38 -5.02
N VAL A 127 -17.26 3.96 -6.29
CA VAL A 127 -18.37 4.00 -7.25
C VAL A 127 -18.61 2.56 -7.75
N GLY A 128 -19.86 2.24 -8.09
CA GLY A 128 -20.18 0.92 -8.63
C GLY A 128 -19.90 0.86 -10.12
N SER A 129 -20.27 -0.28 -10.78
CA SER A 129 -20.12 -0.51 -12.23
C SER A 129 -20.78 0.58 -13.06
N ASP A 130 -21.88 1.14 -12.55
CA ASP A 130 -22.64 2.24 -13.17
C ASP A 130 -21.98 3.62 -12.92
N TRP A 131 -20.83 3.67 -12.19
CA TRP A 131 -20.07 4.89 -11.82
C TRP A 131 -20.88 5.82 -10.88
N ARG A 132 -21.85 5.25 -10.17
CA ARG A 132 -22.64 6.00 -9.20
C ARG A 132 -22.05 5.75 -7.81
N PHE A 133 -22.15 6.74 -6.92
CA PHE A 133 -21.70 6.66 -5.53
C PHE A 133 -22.14 5.36 -4.85
N LEU A 134 -21.21 4.68 -4.19
CA LEU A 134 -21.48 3.43 -3.48
C LEU A 134 -21.20 3.64 -2.00
N ARG A 135 -20.04 4.26 -1.67
CA ARG A 135 -19.70 4.50 -0.27
C ARG A 135 -18.57 5.51 -0.12
N GLY A 136 -18.51 6.11 1.05
CA GLY A 136 -17.49 7.10 1.39
C GLY A 136 -16.85 6.73 2.71
N TYR A 137 -15.65 7.21 2.95
CA TYR A 137 -14.95 6.92 4.21
C TYR A 137 -14.02 8.06 4.55
N HIS A 138 -13.80 8.28 5.85
CA HIS A 138 -12.92 9.32 6.34
C HIS A 138 -12.51 8.87 7.74
N GLN A 139 -11.24 8.50 7.90
CA GLN A 139 -10.75 7.98 9.18
C GLN A 139 -9.42 8.49 9.57
N TYR A 140 -9.17 8.50 10.87
N TYR A 140 -9.19 8.53 10.89
CA TYR A 140 -7.97 9.08 11.46
CA TYR A 140 -7.97 9.01 11.51
C TYR A 140 -7.46 8.20 12.58
C TYR A 140 -7.41 7.96 12.43
N ALA A 141 -6.11 8.05 12.68
CA ALA A 141 -5.43 7.23 13.67
C ALA A 141 -4.36 8.05 14.33
N TYR A 142 -4.11 7.80 15.62
CA TYR A 142 -3.02 8.40 16.35
C TYR A 142 -2.15 7.26 16.88
N ASP A 143 -0.83 7.34 16.60
CA ASP A 143 0.14 6.31 16.96
C ASP A 143 -0.30 4.89 16.55
N GLY A 144 -0.85 4.78 15.34
CA GLY A 144 -1.24 3.52 14.70
C GLY A 144 -2.50 2.88 15.22
N LYS A 145 -3.29 3.64 15.97
CA LYS A 145 -4.57 3.10 16.50
C LYS A 145 -5.71 4.03 16.07
N ASP A 146 -6.89 3.43 15.80
CA ASP A 146 -8.09 4.20 15.47
C ASP A 146 -8.30 5.30 16.46
N TYR A 147 -8.62 6.50 15.94
CA TYR A 147 -8.91 7.65 16.79
C TYR A 147 -10.37 8.02 16.53
N ILE A 148 -10.69 8.51 15.32
CA ILE A 148 -12.07 8.89 15.01
C ILE A 148 -12.34 8.56 13.54
N ALA A 149 -13.54 8.06 13.23
CA ALA A 149 -13.86 7.70 11.85
C ALA A 149 -15.31 8.08 11.56
N LEU A 150 -15.57 8.45 10.33
CA LEU A 150 -16.94 8.78 9.94
C LEU A 150 -17.64 7.43 9.75
N LYS A 151 -18.88 7.30 10.21
CA LYS A 151 -19.62 6.02 10.04
C LYS A 151 -20.06 5.93 8.59
N GLU A 152 -20.52 4.74 8.16
CA GLU A 152 -21.00 4.47 6.79
C GLU A 152 -22.15 5.39 6.34
N ASP A 153 -22.96 5.89 7.30
CA ASP A 153 -24.09 6.81 7.00
C ASP A 153 -23.59 8.19 6.55
N LEU A 154 -22.30 8.52 6.82
CA LEU A 154 -21.65 9.81 6.58
C LEU A 154 -22.30 10.93 7.39
N ARG A 155 -22.90 10.54 8.53
CA ARG A 155 -23.56 11.53 9.38
C ARG A 155 -23.05 11.50 10.79
N SER A 156 -22.56 10.34 11.24
CA SER A 156 -22.15 10.11 12.63
C SER A 156 -20.66 9.77 12.72
N TRP A 157 -20.09 9.84 13.93
CA TRP A 157 -18.67 9.55 14.17
C TRP A 157 -18.50 8.36 15.12
N THR A 158 -17.46 7.56 14.87
CA THR A 158 -17.03 6.47 15.75
C THR A 158 -15.77 7.01 16.45
N ALA A 159 -15.84 7.28 17.76
CA ALA A 159 -14.72 7.75 18.57
C ALA A 159 -14.21 6.55 19.35
N ALA A 160 -12.90 6.21 19.21
CA ALA A 160 -12.38 4.98 19.82
C ALA A 160 -12.15 5.05 21.32
N ASP A 161 -11.90 6.24 21.83
CA ASP A 161 -11.60 6.46 23.23
C ASP A 161 -12.13 7.81 23.69
N MET A 162 -11.83 8.18 24.95
CA MET A 162 -12.38 9.43 25.52
C MET A 162 -11.74 10.70 24.93
N ALA A 163 -10.49 10.63 24.46
CA ALA A 163 -9.83 11.78 23.79
C ALA A 163 -10.62 12.04 22.48
N ALA A 164 -10.86 10.99 21.69
CA ALA A 164 -11.64 11.09 20.44
C ALA A 164 -13.08 11.52 20.71
N GLN A 165 -13.65 11.14 21.90
CA GLN A 165 -15.01 11.56 22.25
C GLN A 165 -15.07 13.11 22.37
N THR A 166 -14.01 13.72 22.90
CA THR A 166 -13.88 15.20 22.97
C THR A 166 -13.91 15.79 21.53
N THR A 167 -13.17 15.18 20.58
CA THR A 167 -13.17 15.64 19.19
C THR A 167 -14.59 15.47 18.57
N LYS A 168 -15.23 14.33 18.81
CA LYS A 168 -16.57 14.05 18.30
C LYS A 168 -17.56 15.16 18.72
N HIS A 169 -17.56 15.54 20.02
CA HIS A 169 -18.44 16.62 20.52
C HIS A 169 -18.16 17.94 19.81
N LYS A 170 -16.89 18.27 19.57
CA LYS A 170 -16.48 19.49 18.87
C LYS A 170 -16.94 19.48 17.39
N TRP A 171 -16.75 18.36 16.70
CA TRP A 171 -17.12 18.23 15.31
C TRP A 171 -18.65 18.17 15.10
N GLU A 172 -19.37 17.64 16.10
CA GLU A 172 -20.85 17.53 16.06
C GLU A 172 -21.49 18.92 16.14
N ALA A 173 -20.76 19.92 16.68
CA ALA A 173 -21.19 21.33 16.81
C ALA A 173 -20.72 22.21 15.62
N ALA A 174 -19.72 21.74 14.84
CA ALA A 174 -19.13 22.48 13.72
C ALA A 174 -19.48 22.01 12.28
N HIS A 175 -20.54 21.19 12.10
CA HIS A 175 -21.06 20.73 10.79
C HIS A 175 -20.05 19.93 9.98
N VAL A 176 -19.05 19.34 10.67
CA VAL A 176 -17.95 18.61 10.00
C VAL A 176 -18.47 17.47 9.19
N ALA A 177 -19.30 16.57 9.75
CA ALA A 177 -19.77 15.42 8.95
C ALA A 177 -20.60 15.88 7.73
N GLU A 178 -21.35 17.01 7.85
CA GLU A 178 -22.11 17.53 6.69
C GLU A 178 -21.17 17.90 5.53
N GLN A 179 -20.10 18.62 5.82
CA GLN A 179 -19.13 19.08 4.81
C GLN A 179 -18.45 17.86 4.18
N LEU A 180 -18.08 16.86 5.00
CA LEU A 180 -17.44 15.63 4.49
C LEU A 180 -18.37 14.81 3.63
N ARG A 181 -19.63 14.65 4.07
CA ARG A 181 -20.62 13.94 3.24
C ARG A 181 -20.82 14.67 1.88
N ALA A 182 -20.88 16.01 1.86
CA ALA A 182 -21.08 16.73 0.60
C ALA A 182 -19.88 16.49 -0.33
N TYR A 183 -18.64 16.50 0.21
CA TYR A 183 -17.46 16.21 -0.62
C TYR A 183 -17.48 14.77 -1.16
N LEU A 184 -17.71 13.79 -0.28
CA LEU A 184 -17.64 12.35 -0.62
C LEU A 184 -18.68 11.93 -1.64
N GLU A 185 -19.88 12.51 -1.55
CA GLU A 185 -20.97 12.17 -2.49
C GLU A 185 -20.99 13.03 -3.74
N GLY A 186 -20.27 14.15 -3.71
CA GLY A 186 -20.26 15.07 -4.83
C GLY A 186 -18.90 15.19 -5.47
N THR A 187 -18.08 16.15 -5.01
CA THR A 187 -16.74 16.38 -5.56
C THR A 187 -15.93 15.12 -5.77
N CYS A 188 -15.79 14.28 -4.75
CA CYS A 188 -14.99 13.07 -4.81
C CYS A 188 -15.37 12.19 -6.02
N VAL A 189 -16.66 11.83 -6.12
CA VAL A 189 -17.14 10.96 -7.21
C VAL A 189 -17.10 11.66 -8.55
N GLU A 190 -17.36 13.00 -8.61
CA GLU A 190 -17.33 13.72 -9.90
C GLU A 190 -15.92 13.71 -10.47
N TRP A 191 -14.92 13.99 -9.60
CA TRP A 191 -13.53 13.99 -10.04
C TRP A 191 -13.02 12.57 -10.32
N LEU A 192 -13.48 11.57 -9.56
CA LEU A 192 -13.12 10.18 -9.85
C LEU A 192 -13.56 9.82 -11.28
N ARG A 193 -14.82 10.17 -11.65
CA ARG A 193 -15.33 9.90 -13.00
CA ARG A 193 -15.37 9.93 -12.99
C ARG A 193 -14.54 10.65 -14.07
N ARG A 194 -14.09 11.89 -13.78
CA ARG A 194 -13.25 12.65 -14.71
C ARG A 194 -11.90 11.92 -14.94
N TYR A 195 -11.26 11.43 -13.84
CA TYR A 195 -9.98 10.73 -13.91
C TYR A 195 -10.14 9.42 -14.68
N LEU A 196 -11.21 8.68 -14.41
CA LEU A 196 -11.50 7.39 -15.08
C LEU A 196 -11.61 7.57 -16.60
N GLU A 197 -12.20 8.71 -17.03
CA GLU A 197 -12.34 9.07 -18.46
C GLU A 197 -11.00 9.48 -19.04
N ASN A 198 -10.32 10.44 -18.40
CA ASN A 198 -9.03 10.92 -18.87
C ASN A 198 -7.95 9.84 -18.92
N GLY A 199 -7.94 8.95 -17.94
CA GLY A 199 -6.96 7.88 -17.86
C GLY A 199 -7.47 6.54 -18.32
N LYS A 200 -8.53 6.53 -19.15
CA LYS A 200 -9.21 5.33 -19.67
C LYS A 200 -8.25 4.23 -20.12
N GLU A 201 -7.21 4.62 -20.88
CA GLU A 201 -6.23 3.67 -21.48
C GLU A 201 -5.57 2.75 -20.46
N THR A 202 -5.41 3.22 -19.22
CA THR A 202 -4.80 2.40 -18.15
C THR A 202 -5.79 2.11 -17.04
N LEU A 203 -6.55 3.12 -16.58
CA LEU A 203 -7.45 2.94 -15.44
C LEU A 203 -8.59 1.98 -15.68
N GLN A 204 -9.12 1.92 -16.93
CA GLN A 204 -10.22 1.00 -17.24
C GLN A 204 -9.73 -0.27 -17.93
N ARG A 205 -8.42 -0.50 -17.94
CA ARG A 205 -7.84 -1.70 -18.53
C ARG A 205 -7.44 -2.64 -17.39
N THR A 206 -7.82 -3.92 -17.48
CA THR A 206 -7.45 -4.92 -16.47
C THR A 206 -6.27 -5.68 -17.08
N ASP A 207 -5.26 -6.00 -16.26
CA ASP A 207 -4.10 -6.77 -16.70
C ASP A 207 -4.26 -8.12 -16.00
N ALA A 208 -4.68 -9.13 -16.75
CA ALA A 208 -4.84 -10.46 -16.18
C ALA A 208 -3.46 -11.02 -15.77
N PRO A 209 -3.43 -11.83 -14.71
CA PRO A 209 -2.14 -12.37 -14.25
C PRO A 209 -1.51 -13.33 -15.25
N LYS A 210 -0.21 -13.19 -15.42
CA LYS A 210 0.59 -14.11 -16.22
C LYS A 210 0.92 -15.21 -15.21
N THR A 211 0.43 -16.43 -15.46
CA THR A 211 0.62 -17.48 -14.47
C THR A 211 1.52 -18.61 -14.97
N HIS A 212 2.27 -19.20 -14.06
CA HIS A 212 3.09 -20.38 -14.37
C HIS A 212 3.40 -21.08 -13.06
N MET A 213 3.83 -22.31 -13.16
CA MET A 213 4.15 -23.09 -11.96
C MET A 213 5.62 -23.48 -11.97
N THR A 214 6.27 -23.39 -10.82
CA THR A 214 7.66 -23.84 -10.68
C THR A 214 7.70 -25.00 -9.72
N HIS A 215 8.76 -25.81 -9.79
CA HIS A 215 8.91 -27.04 -9.01
C HIS A 215 10.28 -27.03 -8.37
N HIS A 216 10.34 -27.18 -7.05
CA HIS A 216 11.60 -27.15 -6.29
C HIS A 216 11.70 -28.33 -5.35
N ALA A 217 12.54 -29.32 -5.70
CA ALA A 217 12.74 -30.47 -4.81
C ALA A 217 13.19 -29.98 -3.40
N VAL A 218 12.61 -30.58 -2.34
CA VAL A 218 12.95 -30.25 -0.93
C VAL A 218 13.66 -31.44 -0.21
N SER A 219 13.75 -32.60 -0.92
CA SER A 219 14.35 -33.87 -0.51
C SER A 219 14.31 -34.77 -1.73
N ASP A 220 14.76 -36.02 -1.63
CA ASP A 220 14.69 -36.90 -2.80
C ASP A 220 13.27 -37.47 -3.02
N HIS A 221 12.34 -37.19 -2.08
CA HIS A 221 10.98 -37.75 -2.18
C HIS A 221 9.86 -36.69 -2.02
N GLU A 222 10.18 -35.40 -1.76
CA GLU A 222 9.17 -34.33 -1.67
C GLU A 222 9.62 -33.10 -2.48
N ALA A 223 8.64 -32.31 -2.96
CA ALA A 223 8.96 -31.12 -3.73
C ALA A 223 7.97 -30.01 -3.42
N THR A 224 8.39 -28.76 -3.61
CA THR A 224 7.47 -27.63 -3.45
C THR A 224 6.98 -27.32 -4.86
N LEU A 225 5.65 -27.11 -5.01
CA LEU A 225 5.10 -26.60 -6.28
C LEU A 225 4.76 -25.16 -5.95
N ARG A 226 5.14 -24.21 -6.78
CA ARG A 226 4.87 -22.80 -6.50
C ARG A 226 4.09 -22.27 -7.70
N CYS A 227 2.91 -21.72 -7.43
CA CYS A 227 2.04 -21.19 -8.47
C CYS A 227 2.21 -19.66 -8.46
N TRP A 228 2.68 -19.10 -9.56
CA TRP A 228 2.97 -17.67 -9.67
C TRP A 228 1.90 -16.90 -10.44
N ALA A 229 1.59 -15.67 -9.99
CA ALA A 229 0.67 -14.77 -10.69
C ALA A 229 1.50 -13.47 -10.80
N LEU A 230 1.84 -13.08 -12.01
CA LEU A 230 2.71 -11.93 -12.22
C LEU A 230 2.05 -10.88 -13.10
N SER A 231 2.49 -9.63 -12.92
CA SER A 231 2.14 -8.51 -13.78
C SER A 231 0.64 -8.27 -13.89
N PHE A 232 -0.07 -8.39 -12.76
CA PHE A 232 -1.52 -8.21 -12.83
C PHE A 232 -1.96 -6.86 -12.23
N TYR A 233 -3.15 -6.44 -12.64
CA TYR A 233 -3.76 -5.19 -12.19
C TYR A 233 -5.27 -5.34 -12.37
N PRO A 234 -6.13 -4.96 -11.39
CA PRO A 234 -5.83 -4.43 -10.04
C PRO A 234 -5.21 -5.47 -9.11
N ALA A 235 -4.77 -5.07 -7.91
CA ALA A 235 -4.07 -5.92 -6.95
C ALA A 235 -4.88 -7.09 -6.37
N GLU A 236 -6.22 -6.97 -6.35
CA GLU A 236 -7.12 -8.01 -5.81
CA GLU A 236 -7.13 -7.98 -5.80
C GLU A 236 -7.01 -9.30 -6.57
N ILE A 237 -6.66 -10.39 -5.88
CA ILE A 237 -6.51 -11.71 -6.50
C ILE A 237 -6.74 -12.82 -5.47
N THR A 238 -7.10 -14.01 -5.93
CA THR A 238 -7.23 -15.19 -5.08
C THR A 238 -6.48 -16.35 -5.75
N LEU A 239 -5.55 -16.96 -5.01
CA LEU A 239 -4.77 -18.13 -5.43
C LEU A 239 -5.13 -19.22 -4.46
N THR A 240 -5.59 -20.37 -4.94
CA THR A 240 -6.00 -21.44 -4.01
C THR A 240 -5.49 -22.76 -4.54
N TRP A 241 -5.00 -23.61 -3.66
CA TRP A 241 -4.56 -24.95 -4.06
C TRP A 241 -5.66 -25.93 -3.76
N GLN A 242 -5.80 -26.92 -4.62
CA GLN A 242 -6.73 -28.04 -4.43
C GLN A 242 -5.94 -29.32 -4.60
N ARG A 243 -6.39 -30.39 -3.93
CA ARG A 243 -5.79 -31.69 -4.09
C ARG A 243 -6.97 -32.60 -4.33
N ASP A 244 -6.94 -33.29 -5.48
CA ASP A 244 -8.03 -34.19 -5.90
C ASP A 244 -9.41 -33.47 -5.83
N GLY A 245 -9.42 -32.22 -6.32
CA GLY A 245 -10.61 -31.37 -6.42
C GLY A 245 -11.18 -30.78 -5.15
N GLU A 246 -10.44 -30.82 -4.04
CA GLU A 246 -10.88 -30.24 -2.76
C GLU A 246 -9.79 -29.30 -2.25
N ASP A 247 -10.18 -28.21 -1.58
CA ASP A 247 -9.25 -27.23 -1.05
C ASP A 247 -8.20 -27.82 -0.14
N GLN A 248 -6.97 -27.37 -0.30
CA GLN A 248 -5.84 -27.80 0.50
C GLN A 248 -5.23 -26.57 1.17
N THR A 249 -5.10 -26.61 2.49
CA THR A 249 -4.48 -25.53 3.28
C THR A 249 -3.27 -26.07 4.06
N GLN A 250 -3.26 -27.40 4.37
CA GLN A 250 -2.11 -28.01 5.05
C GLN A 250 -0.89 -27.93 4.10
N ASP A 251 0.29 -27.59 4.65
CA ASP A 251 1.56 -27.54 3.93
C ASP A 251 1.57 -26.55 2.74
N THR A 252 0.74 -25.50 2.85
CA THR A 252 0.68 -24.44 1.84
C THR A 252 1.26 -23.17 2.44
N GLU A 253 1.73 -22.26 1.57
CA GLU A 253 2.26 -20.96 1.98
C GLU A 253 1.78 -19.98 0.93
N LEU A 254 1.20 -18.85 1.38
CA LEU A 254 0.69 -17.82 0.49
C LEU A 254 1.39 -16.54 0.87
N VAL A 255 2.06 -15.87 -0.08
CA VAL A 255 2.71 -14.63 0.29
C VAL A 255 1.74 -13.48 0.12
N GLU A 256 1.99 -12.37 0.80
CA GLU A 256 1.16 -11.19 0.63
C GLU A 256 1.39 -10.63 -0.77
N THR A 257 0.33 -10.10 -1.39
CA THR A 257 0.42 -9.47 -2.73
C THR A 257 1.46 -8.35 -2.63
N ARG A 258 2.35 -8.26 -3.61
CA ARG A 258 3.46 -7.30 -3.53
C ARG A 258 3.58 -6.51 -4.83
N PRO A 259 4.09 -5.27 -4.77
CA PRO A 259 4.22 -4.48 -6.01
C PRO A 259 5.38 -4.94 -6.85
N ALA A 260 5.20 -4.96 -8.16
CA ALA A 260 6.32 -5.31 -9.07
C ALA A 260 7.28 -4.11 -9.16
N GLY A 261 6.75 -2.89 -8.97
CA GLY A 261 7.52 -1.64 -9.08
C GLY A 261 7.21 -0.89 -10.37
N ASP A 262 6.41 -1.51 -11.28
CA ASP A 262 6.06 -0.91 -12.57
C ASP A 262 4.55 -0.61 -12.64
N GLY A 263 3.88 -0.66 -11.49
CA GLY A 263 2.44 -0.40 -11.39
C GLY A 263 1.59 -1.65 -11.33
N THR A 264 2.20 -2.82 -11.59
CA THR A 264 1.47 -4.10 -11.52
C THR A 264 1.83 -4.80 -10.23
N PHE A 265 1.20 -5.98 -9.98
CA PHE A 265 1.40 -6.70 -8.73
C PHE A 265 1.80 -8.15 -8.98
N GLN A 266 2.27 -8.79 -7.91
CA GLN A 266 2.71 -10.19 -7.96
C GLN A 266 2.21 -10.93 -6.74
N LYS A 267 2.04 -12.25 -6.88
CA LYS A 267 1.71 -13.10 -5.74
C LYS A 267 2.09 -14.52 -6.10
N TRP A 268 2.35 -15.32 -5.08
CA TRP A 268 2.54 -16.76 -5.28
C TRP A 268 1.96 -17.56 -4.15
N ALA A 269 1.65 -18.83 -4.42
CA ALA A 269 1.12 -19.76 -3.40
C ALA A 269 1.90 -21.05 -3.64
N ALA A 270 2.33 -21.69 -2.57
CA ALA A 270 3.09 -22.92 -2.73
C ALA A 270 2.52 -24.01 -1.88
N VAL A 271 2.84 -25.26 -2.26
CA VAL A 271 2.43 -26.47 -1.53
C VAL A 271 3.57 -27.48 -1.60
N VAL A 272 3.85 -28.17 -0.46
CA VAL A 272 4.84 -29.25 -0.43
CA VAL A 272 4.84 -29.25 -0.37
C VAL A 272 4.10 -30.56 -0.67
N VAL A 273 4.56 -31.32 -1.67
CA VAL A 273 3.90 -32.55 -2.08
C VAL A 273 4.89 -33.72 -2.16
N PRO A 274 4.39 -34.98 -2.07
CA PRO A 274 5.29 -36.13 -2.28
C PRO A 274 5.68 -36.19 -3.77
N SER A 275 6.98 -36.38 -4.07
CA SER A 275 7.44 -36.48 -5.47
C SER A 275 6.74 -37.62 -6.19
N GLY A 276 6.29 -37.36 -7.42
CA GLY A 276 5.52 -38.31 -8.20
C GLY A 276 4.01 -38.12 -8.07
N GLN A 277 3.58 -37.30 -7.09
CA GLN A 277 2.15 -37.02 -6.86
C GLN A 277 1.71 -35.61 -7.32
N GLU A 278 2.54 -34.93 -8.12
CA GLU A 278 2.27 -33.55 -8.58
C GLU A 278 0.98 -33.37 -9.34
N GLN A 279 0.51 -34.40 -10.05
CA GLN A 279 -0.69 -34.32 -10.90
C GLN A 279 -1.99 -34.20 -10.13
N ARG A 280 -2.01 -34.57 -8.83
CA ARG A 280 -3.21 -34.48 -7.98
C ARG A 280 -3.49 -33.03 -7.59
N TYR A 281 -2.47 -32.16 -7.69
CA TYR A 281 -2.54 -30.78 -7.22
C TYR A 281 -2.83 -29.78 -8.34
N THR A 282 -3.74 -28.82 -8.06
CA THR A 282 -4.11 -27.78 -9.02
C THR A 282 -4.13 -26.44 -8.33
N CYS A 283 -3.64 -25.41 -9.02
CA CYS A 283 -3.64 -24.06 -8.48
C CYS A 283 -4.76 -23.32 -9.23
N HIS A 284 -5.64 -22.63 -8.49
N HIS A 284 -5.60 -22.60 -8.49
CA HIS A 284 -6.81 -21.93 -9.03
CA HIS A 284 -6.74 -21.90 -9.07
C HIS A 284 -6.62 -20.43 -8.88
C HIS A 284 -6.56 -20.42 -8.90
N VAL A 285 -6.71 -19.67 -9.99
CA VAL A 285 -6.47 -18.22 -9.97
C VAL A 285 -7.72 -17.46 -10.34
N GLN A 286 -8.14 -16.59 -9.44
CA GLN A 286 -9.33 -15.75 -9.67
C GLN A 286 -8.85 -14.29 -9.72
N HIS A 287 -9.24 -13.57 -10.79
CA HIS A 287 -8.87 -12.16 -10.95
C HIS A 287 -9.91 -11.51 -11.89
N GLU A 288 -10.22 -10.24 -11.68
CA GLU A 288 -11.17 -9.44 -12.46
C GLU A 288 -10.82 -9.43 -13.97
N GLY A 289 -9.54 -9.57 -14.33
CA GLY A 289 -9.10 -9.58 -15.71
C GLY A 289 -9.26 -10.91 -16.44
N LEU A 290 -9.80 -11.92 -15.74
CA LEU A 290 -10.00 -13.27 -16.28
C LEU A 290 -11.52 -13.56 -16.45
N PRO A 291 -12.02 -13.91 -17.66
CA PRO A 291 -13.47 -14.19 -17.80
C PRO A 291 -13.92 -15.39 -16.95
N LYS A 292 -13.03 -16.38 -16.83
CA LYS A 292 -13.23 -17.57 -16.03
C LYS A 292 -11.94 -17.85 -15.26
N PRO A 293 -12.01 -18.39 -14.03
CA PRO A 293 -10.76 -18.68 -13.31
C PRO A 293 -9.86 -19.68 -14.04
N LEU A 294 -8.54 -19.49 -13.87
CA LEU A 294 -7.49 -20.30 -14.48
C LEU A 294 -7.22 -21.47 -13.53
N THR A 295 -6.81 -22.61 -14.09
CA THR A 295 -6.41 -23.82 -13.35
C THR A 295 -5.03 -24.20 -13.89
N LEU A 296 -4.04 -24.39 -12.99
CA LEU A 296 -2.71 -24.81 -13.43
C LEU A 296 -2.40 -26.13 -12.78
N ARG A 297 -1.69 -26.99 -13.49
CA ARG A 297 -1.26 -28.30 -13.01
C ARG A 297 0.17 -28.48 -13.48
N TRP A 298 1.06 -29.01 -12.61
CA TRP A 298 2.46 -29.27 -12.95
C TRP A 298 2.53 -30.28 -14.08
N GLU A 299 3.24 -29.91 -15.15
CA GLU A 299 3.42 -30.79 -16.29
C GLU A 299 4.90 -31.14 -16.47
N PRO A 300 5.30 -32.40 -16.17
CA PRO A 300 6.73 -32.76 -16.29
C PRO A 300 7.12 -33.15 -17.74
N MET B 1 1.74 4.53 21.94
CA MET B 1 2.59 4.26 20.77
C MET B 1 2.66 2.75 20.45
N ILE B 2 1.89 2.31 19.42
CA ILE B 2 1.83 0.90 19.00
C ILE B 2 3.12 0.48 18.24
N GLN B 3 3.58 -0.76 18.44
CA GLN B 3 4.81 -1.30 17.82
C GLN B 3 4.52 -2.61 17.10
N ARG B 4 4.66 -2.63 15.74
CA ARG B 4 4.42 -3.79 14.89
C ARG B 4 5.64 -4.06 14.02
N THR B 5 6.10 -5.32 14.02
CA THR B 5 7.34 -5.72 13.34
C THR B 5 7.17 -5.81 11.83
N PRO B 6 8.12 -5.36 11.03
CA PRO B 6 7.93 -5.45 9.57
C PRO B 6 7.94 -6.88 9.03
N LYS B 7 7.13 -7.09 7.99
CA LYS B 7 7.17 -8.30 7.17
C LYS B 7 8.12 -7.87 6.06
N ILE B 8 8.89 -8.79 5.49
CA ILE B 8 9.86 -8.43 4.46
C ILE B 8 9.78 -9.46 3.36
N GLN B 9 9.77 -8.99 2.12
CA GLN B 9 9.89 -9.89 0.98
C GLN B 9 10.98 -9.28 0.10
N VAL B 10 11.92 -10.11 -0.38
CA VAL B 10 13.03 -9.66 -1.28
CA VAL B 10 12.99 -9.63 -1.28
C VAL B 10 12.82 -10.45 -2.56
N TYR B 11 12.74 -9.77 -3.70
CA TYR B 11 12.41 -10.44 -4.95
C TYR B 11 12.78 -9.58 -6.13
N SER B 12 12.74 -10.18 -7.32
CA SER B 12 13.01 -9.43 -8.55
C SER B 12 11.70 -9.07 -9.21
N ARG B 13 11.70 -7.93 -9.95
CA ARG B 13 10.51 -7.51 -10.69
C ARG B 13 10.15 -8.55 -11.76
N HIS B 14 11.16 -9.11 -12.43
CA HIS B 14 10.93 -10.09 -13.50
C HIS B 14 11.57 -11.42 -13.14
N PRO B 15 11.05 -12.58 -13.68
CA PRO B 15 11.72 -13.88 -13.43
C PRO B 15 13.19 -13.77 -13.81
N ALA B 16 14.07 -14.11 -12.87
CA ALA B 16 15.49 -13.84 -13.03
C ALA B 16 16.22 -14.80 -13.93
N GLU B 17 17.13 -14.23 -14.74
CA GLU B 17 18.05 -14.98 -15.60
C GLU B 17 19.43 -14.38 -15.38
N ASN B 18 20.48 -15.22 -15.17
CA ASN B 18 21.82 -14.70 -14.99
C ASN B 18 22.24 -13.91 -16.21
N GLY B 19 22.82 -12.73 -15.99
CA GLY B 19 23.31 -11.87 -17.05
C GLY B 19 22.27 -10.96 -17.68
N LYS B 20 21.00 -11.03 -17.21
CA LYS B 20 19.98 -10.17 -17.79
C LYS B 20 19.53 -9.15 -16.78
N SER B 21 19.73 -7.87 -17.11
CA SER B 21 19.37 -6.71 -16.28
C SER B 21 17.94 -6.84 -15.71
N ASN B 22 17.77 -6.47 -14.42
CA ASN B 22 16.48 -6.65 -13.74
C ASN B 22 16.37 -5.60 -12.61
N PHE B 23 15.41 -5.77 -11.70
CA PHE B 23 15.20 -4.86 -10.59
C PHE B 23 15.04 -5.67 -9.34
N LEU B 24 15.84 -5.33 -8.33
CA LEU B 24 15.85 -5.95 -7.03
C LEU B 24 14.94 -5.14 -6.12
N ASN B 25 13.92 -5.81 -5.54
CA ASN B 25 12.91 -5.20 -4.68
C ASN B 25 13.02 -5.69 -3.27
N CYS B 26 12.79 -4.77 -2.33
CA CYS B 26 12.64 -5.12 -0.92
C CYS B 26 11.35 -4.46 -0.46
N TYR B 27 10.32 -5.26 -0.29
CA TYR B 27 9.01 -4.77 0.14
C TYR B 27 8.85 -5.00 1.65
N VAL B 28 8.72 -3.90 2.39
CA VAL B 28 8.56 -3.94 3.85
C VAL B 28 7.16 -3.46 4.18
N SER B 29 6.41 -4.24 4.97
CA SER B 29 5.02 -3.92 5.27
C SER B 29 4.62 -4.34 6.68
N GLY B 30 3.42 -3.96 7.09
CA GLY B 30 2.92 -4.37 8.41
C GLY B 30 3.60 -3.76 9.60
N PHE B 31 4.37 -2.66 9.42
CA PHE B 31 5.14 -2.06 10.52
C PHE B 31 4.62 -0.72 11.05
N HIS B 32 4.98 -0.44 12.30
CA HIS B 32 4.62 0.78 12.99
C HIS B 32 5.60 0.94 14.15
N PRO B 33 6.24 2.11 14.40
CA PRO B 33 6.15 3.40 13.69
C PRO B 33 6.81 3.38 12.31
N SER B 34 6.67 4.47 11.55
CA SER B 34 7.17 4.57 10.17
C SER B 34 8.70 4.60 10.03
N ASP B 35 9.45 4.96 11.11
CA ASP B 35 10.92 5.06 11.00
C ASP B 35 11.47 3.65 10.75
N ILE B 36 12.13 3.45 9.60
CA ILE B 36 12.69 2.14 9.23
C ILE B 36 13.96 2.36 8.41
N GLU B 37 14.97 1.50 8.62
CA GLU B 37 16.20 1.59 7.84
C GLU B 37 16.21 0.39 6.91
N VAL B 38 16.29 0.63 5.61
CA VAL B 38 16.30 -0.45 4.61
C VAL B 38 17.47 -0.25 3.65
N ASP B 39 18.34 -1.28 3.50
CA ASP B 39 19.45 -1.22 2.55
C ASP B 39 19.39 -2.45 1.70
N LEU B 40 19.72 -2.32 0.42
CA LEU B 40 19.83 -3.46 -0.47
C LEU B 40 21.35 -3.75 -0.47
N LEU B 41 21.74 -5.02 -0.35
CA LEU B 41 23.15 -5.41 -0.27
C LEU B 41 23.58 -6.27 -1.45
N LYS B 42 24.83 -6.10 -1.90
CA LYS B 42 25.45 -6.91 -2.96
C LYS B 42 26.72 -7.42 -2.31
N ASN B 43 26.78 -8.74 -2.04
CA ASN B 43 27.93 -9.39 -1.38
C ASN B 43 28.25 -8.78 0.00
N GLY B 44 27.20 -8.42 0.74
CA GLY B 44 27.31 -7.84 2.08
C GLY B 44 27.53 -6.35 2.13
N GLU B 45 27.77 -5.68 0.99
CA GLU B 45 28.02 -4.24 0.91
C GLU B 45 26.76 -3.49 0.48
N ARG B 46 26.51 -2.30 1.03
CA ARG B 46 25.29 -1.57 0.67
C ARG B 46 25.35 -0.95 -0.73
N ILE B 47 24.26 -1.14 -1.51
CA ILE B 47 24.12 -0.60 -2.85
C ILE B 47 23.72 0.87 -2.65
N GLU B 48 24.44 1.79 -3.31
CA GLU B 48 24.22 3.22 -3.15
C GLU B 48 23.05 3.78 -3.95
N LYS B 49 22.83 3.32 -5.19
CA LYS B 49 21.77 3.90 -6.00
C LYS B 49 20.42 3.20 -5.74
N VAL B 50 19.79 3.46 -4.55
CA VAL B 50 18.52 2.82 -4.16
C VAL B 50 17.40 3.84 -4.03
N GLU B 51 16.25 3.55 -4.65
CA GLU B 51 15.06 4.40 -4.61
C GLU B 51 13.98 3.76 -3.75
N HIS B 52 13.01 4.55 -3.28
CA HIS B 52 11.91 3.99 -2.51
C HIS B 52 10.60 4.66 -2.87
N SER B 53 9.50 3.94 -2.66
CA SER B 53 8.15 4.42 -2.90
C SER B 53 7.77 5.48 -1.83
N ASP B 54 6.66 6.17 -2.05
CA ASP B 54 6.15 7.13 -1.08
C ASP B 54 5.38 6.37 -0.01
N LEU B 55 5.69 6.65 1.23
CA LEU B 55 5.05 6.02 2.38
C LEU B 55 3.53 5.98 2.31
N SER B 56 2.98 4.79 2.38
CA SER B 56 1.53 4.63 2.43
C SER B 56 1.19 3.57 3.49
N PHE B 57 -0.11 3.27 3.65
CA PHE B 57 -0.50 2.33 4.71
C PHE B 57 -1.76 1.54 4.38
N SER B 58 -1.99 0.46 5.13
CA SER B 58 -3.11 -0.46 4.96
C SER B 58 -4.28 -0.09 5.89
N LYS B 59 -5.36 -0.89 5.82
CA LYS B 59 -6.60 -0.75 6.60
C LYS B 59 -6.36 -0.59 8.12
N ASP B 60 -5.47 -1.42 8.68
CA ASP B 60 -5.07 -1.48 10.08
C ASP B 60 -4.02 -0.43 10.46
N TRP B 61 -3.73 0.53 9.55
CA TRP B 61 -2.80 1.65 9.75
C TRP B 61 -1.32 1.26 9.62
N SER B 62 -1.01 -0.04 9.38
CA SER B 62 0.39 -0.43 9.26
CA SER B 62 0.37 -0.49 9.23
C SER B 62 0.98 0.08 7.95
N PHE B 63 2.24 0.52 8.03
CA PHE B 63 2.91 1.10 6.87
C PHE B 63 3.44 0.09 5.86
N TYR B 64 3.62 0.55 4.62
CA TYR B 64 4.35 -0.25 3.63
C TYR B 64 5.23 0.66 2.76
N LEU B 65 6.38 0.10 2.34
CA LEU B 65 7.32 0.78 1.46
C LEU B 65 7.98 -0.24 0.54
N LEU B 66 8.34 0.20 -0.67
CA LEU B 66 9.12 -0.60 -1.61
C LEU B 66 10.45 0.13 -1.84
N TYR B 67 11.57 -0.57 -1.61
CA TYR B 67 12.93 -0.08 -1.90
C TYR B 67 13.38 -0.91 -3.11
N TYR B 68 13.99 -0.24 -4.09
CA TYR B 68 14.36 -0.93 -5.31
C TYR B 68 15.56 -0.33 -5.98
N THR B 69 16.25 -1.19 -6.75
CA THR B 69 17.42 -0.81 -7.54
C THR B 69 17.57 -1.72 -8.75
N GLU B 70 18.23 -1.24 -9.81
CA GLU B 70 18.53 -2.08 -10.97
C GLU B 70 19.65 -3.00 -10.56
N PHE B 71 19.65 -4.24 -11.04
CA PHE B 71 20.71 -5.19 -10.75
C PHE B 71 20.80 -6.21 -11.85
N THR B 72 21.89 -6.96 -11.88
CA THR B 72 22.04 -8.05 -12.85
C THR B 72 22.30 -9.32 -12.10
N PRO B 73 21.36 -10.28 -12.05
CA PRO B 73 21.65 -11.55 -11.36
C PRO B 73 22.84 -12.26 -11.99
N THR B 74 23.65 -12.93 -11.16
CA THR B 74 24.79 -13.72 -11.66
C THR B 74 24.89 -14.98 -10.82
N GLU B 75 25.75 -15.94 -11.23
CA GLU B 75 25.96 -17.17 -10.49
C GLU B 75 26.71 -16.90 -9.19
N LYS B 76 27.61 -15.91 -9.19
CA LYS B 76 28.51 -15.59 -8.09
C LYS B 76 28.00 -14.56 -7.07
N ASP B 77 27.23 -13.56 -7.50
CA ASP B 77 26.84 -12.50 -6.55
C ASP B 77 25.65 -12.88 -5.68
N GLU B 78 25.72 -12.48 -4.40
CA GLU B 78 24.67 -12.69 -3.42
C GLU B 78 23.98 -11.34 -3.16
N TYR B 79 22.64 -11.30 -3.23
CA TYR B 79 21.90 -10.07 -2.97
C TYR B 79 21.03 -10.28 -1.75
N ALA B 80 20.74 -9.19 -1.06
CA ALA B 80 19.95 -9.24 0.17
C ALA B 80 19.37 -7.89 0.53
N CYS B 81 18.44 -7.89 1.47
CA CYS B 81 17.88 -6.67 1.99
C CYS B 81 18.21 -6.69 3.50
N ARG B 82 18.63 -5.56 4.07
CA ARG B 82 18.95 -5.46 5.49
C ARG B 82 17.95 -4.46 6.09
N VAL B 83 17.17 -4.91 7.07
CA VAL B 83 16.12 -4.07 7.68
C VAL B 83 16.38 -3.87 9.17
N ASN B 84 16.27 -2.62 9.63
CA ASN B 84 16.33 -2.29 11.06
C ASN B 84 15.14 -1.40 11.41
N HIS B 85 14.54 -1.66 12.56
CA HIS B 85 13.33 -1.00 13.03
C HIS B 85 13.36 -1.20 14.55
N VAL B 86 12.68 -0.30 15.28
CA VAL B 86 12.65 -0.33 16.76
C VAL B 86 12.14 -1.69 17.32
N THR B 87 11.29 -2.42 16.57
CA THR B 87 10.76 -3.72 17.00
C THR B 87 11.76 -4.89 16.89
N LEU B 88 12.90 -4.69 16.23
CA LEU B 88 13.91 -5.74 16.04
C LEU B 88 15.08 -5.59 17.00
N SER B 89 15.49 -6.70 17.64
CA SER B 89 16.62 -6.68 18.58
C SER B 89 17.94 -6.49 17.85
N GLN B 90 18.00 -6.90 16.56
CA GLN B 90 19.18 -6.81 15.71
C GLN B 90 18.70 -6.57 14.25
N PRO B 91 19.46 -5.90 13.35
CA PRO B 91 19.01 -5.78 11.93
C PRO B 91 18.80 -7.16 11.30
N LYS B 92 17.68 -7.32 10.55
CA LYS B 92 17.37 -8.60 9.94
C LYS B 92 17.85 -8.59 8.48
N ILE B 93 18.60 -9.63 8.07
CA ILE B 93 19.07 -9.75 6.70
C ILE B 93 18.27 -10.85 6.04
N VAL B 94 17.61 -10.53 4.91
CA VAL B 94 16.83 -11.51 4.15
C VAL B 94 17.50 -11.65 2.79
N LYS B 95 18.02 -12.85 2.48
CA LYS B 95 18.72 -13.06 1.20
C LYS B 95 17.76 -13.21 0.06
N TRP B 96 18.11 -12.67 -1.09
CA TRP B 96 17.31 -12.86 -2.28
C TRP B 96 17.48 -14.30 -2.78
N ASP B 97 16.35 -14.95 -3.09
CA ASP B 97 16.27 -16.29 -3.66
C ASP B 97 15.35 -16.12 -4.87
N ARG B 98 15.90 -16.34 -6.09
CA ARG B 98 15.15 -16.20 -7.35
C ARG B 98 13.90 -17.07 -7.46
N ASP B 99 13.78 -18.10 -6.63
CA ASP B 99 12.61 -18.98 -6.62
C ASP B 99 11.46 -18.45 -5.74
N MET B 100 11.63 -17.27 -5.10
CA MET B 100 10.60 -16.69 -4.22
C MET B 100 10.28 -15.19 -4.47
N ARG C 1 -8.98 14.88 -6.62
CA ARG C 1 -9.18 16.25 -6.15
C ARG C 1 -9.35 16.20 -4.61
N LEU C 2 -8.48 16.89 -3.86
CA LEU C 2 -8.56 16.90 -2.39
C LEU C 2 -9.75 17.68 -1.89
N ASN C 3 -10.15 17.36 -0.65
CA ASN C 3 -11.23 18.05 0.04
CA ASN C 3 -11.24 18.10 0.00
C ASN C 3 -10.69 19.40 0.52
N GLU C 4 -11.57 20.39 0.69
CA GLU C 4 -11.14 21.70 1.18
C GLU C 4 -11.46 21.86 2.69
N VAL C 5 -12.05 20.83 3.34
CA VAL C 5 -12.37 20.91 4.77
C VAL C 5 -11.10 20.50 5.52
N ALA C 6 -10.63 21.37 6.41
CA ALA C 6 -9.36 21.22 7.11
C ALA C 6 -9.48 21.21 8.65
N ASN C 7 -10.69 20.92 9.18
CA ASN C 7 -11.04 20.91 10.60
C ASN C 7 -10.05 20.17 11.50
N ASN C 8 -9.69 20.80 12.61
CA ASN C 8 -8.73 20.27 13.59
C ASN C 8 -9.41 19.38 14.62
N LEU C 9 -8.67 18.42 15.20
CA LEU C 9 -9.18 17.52 16.25
C LEU C 9 -9.44 18.26 17.57
#